data_9E6T
#
_entry.id   9E6T
#
_cell.length_a   59.230
_cell.length_b   59.230
_cell.length_c   247.124
_cell.angle_alpha   90.000
_cell.angle_beta   90.000
_cell.angle_gamma   90.000
#
_symmetry.space_group_name_H-M   'P 41 21 2'
#
loop_
_entity.id
_entity.type
_entity.pdbx_description
1 polymer 'B-cell lymphoma/leukemia 11A'
2 polymer 'DNA Strand I'
3 polymer 'DNA Strand II'
4 non-polymer 'ZINC ION'
5 non-polymer 1,2-ETHANEDIOL
6 water water
#
loop_
_entity_poly.entity_id
_entity_poly.type
_entity_poly.pdbx_seq_one_letter_code
_entity_poly.pdbx_strand_id
1 'polypeptide(L)'
;GSPGRPSSKEGRRSDTCEYCGKVFKNCSNLTVHRRSHTGERPYKCELCNYACAQSSKLTRHMKTHGQVGKDVYKCEICKM
PFSVYSTLEKHMKKWHSDRVLNNDIKTE
;
A,B
2 'polydeoxyribonucleotide' (DC)(DC)(DT)(DT)(DG)(DC)(DC)(DC)(DA)(DA)(DA)(DC)(DC)(DC)(DC)(DA)(DC)(DC)(DC) I
3 'polydeoxyribonucleotide' (DG)(DG)(DG)(DG)(DT)(DG)(DG)(DG)(DG)(DT)(DT)(DT)(DG)(DG)(DG)(DC)(DA)(DA)(DG)(DG) J
#
# COMPACT_ATOMS: atom_id res chain seq x y z
N ASP A 15 11.27 -13.95 12.25
CA ASP A 15 11.67 -14.21 13.63
C ASP A 15 11.89 -12.91 14.39
N THR A 16 13.15 -12.49 14.48
CA THR A 16 13.52 -11.26 15.16
C THR A 16 14.59 -10.53 14.36
N CYS A 17 14.71 -9.23 14.59
CA CYS A 17 15.70 -8.43 13.89
C CYS A 17 17.10 -8.90 14.23
N GLU A 18 17.82 -9.39 13.21
CA GLU A 18 19.16 -9.92 13.43
C GLU A 18 20.19 -8.83 13.74
N TYR A 19 19.82 -7.56 13.60
CA TYR A 19 20.74 -6.46 13.87
C TYR A 19 20.40 -5.71 15.15
N CYS A 20 19.15 -5.28 15.31
CA CYS A 20 18.75 -4.48 16.47
C CYS A 20 17.92 -5.25 17.49
N GLY A 21 17.50 -6.48 17.17
CA GLY A 21 16.74 -7.29 18.11
C GLY A 21 15.38 -6.71 18.47
N LYS A 22 14.62 -6.27 17.47
CA LYS A 22 13.30 -5.71 17.67
C LYS A 22 12.24 -6.75 17.36
N VAL A 23 11.23 -6.84 18.23
CA VAL A 23 10.15 -7.82 18.06
C VAL A 23 9.15 -7.29 17.04
N PHE A 24 8.87 -8.08 16.01
CA PHE A 24 7.91 -7.74 14.97
C PHE A 24 6.79 -8.77 14.95
N LYS A 25 5.55 -8.28 14.94
CA LYS A 25 4.39 -9.17 14.78
C LYS A 25 4.15 -9.55 13.33
N ASN A 26 4.82 -8.91 12.38
CA ASN A 26 4.69 -9.21 10.96
C ASN A 26 6.08 -9.33 10.35
N CYS A 27 6.26 -10.35 9.51
CA CYS A 27 7.56 -10.58 8.89
C CYS A 27 7.85 -9.62 7.76
N SER A 28 6.82 -9.10 7.07
CA SER A 28 7.05 -8.12 6.02
C SER A 28 7.62 -6.83 6.60
N ASN A 29 7.13 -6.43 7.78
CA ASN A 29 7.68 -5.24 8.43
C ASN A 29 9.13 -5.47 8.84
N LEU A 30 9.45 -6.68 9.30
CA LEU A 30 10.85 -6.99 9.56
C LEU A 30 11.68 -6.96 8.29
N THR A 31 11.09 -7.35 7.15
CA THR A 31 11.79 -7.27 5.88
C THR A 31 12.12 -5.82 5.54
N VAL A 32 11.15 -4.93 5.67
CA VAL A 32 11.41 -3.52 5.34
C VAL A 32 12.35 -2.89 6.37
N HIS A 33 12.29 -3.32 7.64
CA HIS A 33 13.22 -2.84 8.65
C HIS A 33 14.65 -3.28 8.33
N ARG A 34 14.83 -4.53 7.89
CA ARG A 34 16.14 -4.99 7.46
C ARG A 34 16.60 -4.26 6.22
N ARG A 35 15.67 -3.88 5.33
CA ARG A 35 16.04 -3.03 4.21
C ARG A 35 16.57 -1.68 4.69
N SER A 36 15.92 -1.09 5.69
CA SER A 36 16.40 0.17 6.24
C SER A 36 17.79 -0.01 6.87
N HIS A 37 17.99 -1.11 7.58
CA HIS A 37 19.30 -1.38 8.17
C HIS A 37 20.38 -1.54 7.12
N THR A 38 20.08 -2.27 6.03
CA THR A 38 21.04 -2.56 4.99
C THR A 38 21.05 -1.53 3.86
N GLY A 39 20.20 -0.50 3.94
CA GLY A 39 20.15 0.50 2.89
C GLY A 39 19.71 -0.05 1.55
N GLU A 40 18.82 -1.03 1.54
CA GLU A 40 18.31 -1.62 0.31
C GLU A 40 17.08 -0.85 -0.16
N ARG A 41 17.12 -0.38 -1.40
CA ARG A 41 16.04 0.41 -1.98
C ARG A 41 15.64 -0.21 -3.32
N PRO A 42 14.92 -1.33 -3.28
CA PRO A 42 14.56 -2.03 -4.53
C PRO A 42 13.69 -1.21 -5.48
N TYR A 43 12.82 -0.36 -4.96
CA TYR A 43 11.85 0.35 -5.78
C TYR A 43 12.49 1.66 -6.25
N LYS A 44 13.02 1.64 -7.47
CA LYS A 44 13.71 2.79 -8.04
C LYS A 44 12.77 3.58 -8.94
N CYS A 45 12.87 4.91 -8.84
CA CYS A 45 12.07 5.79 -9.70
C CYS A 45 12.54 5.69 -11.14
N GLU A 46 11.58 5.70 -12.06
CA GLU A 46 11.88 5.62 -13.49
C GLU A 46 12.12 6.99 -14.11
N LEU A 47 11.96 8.07 -13.35
CA LEU A 47 12.13 9.42 -13.86
C LEU A 47 13.31 10.16 -13.23
N CYS A 48 13.95 9.58 -12.22
CA CYS A 48 15.12 10.17 -11.60
C CYS A 48 15.90 9.06 -10.90
N ASN A 49 16.93 9.45 -10.15
CA ASN A 49 17.81 8.50 -9.47
C ASN A 49 17.27 8.06 -8.11
N TYR A 50 16.14 8.60 -7.67
CA TYR A 50 15.62 8.27 -6.35
C TYR A 50 15.16 6.82 -6.28
N ALA A 51 15.42 6.17 -5.15
CA ALA A 51 14.95 4.84 -4.86
C ALA A 51 14.52 4.77 -3.41
N CYS A 52 13.74 3.74 -3.07
CA CYS A 52 13.21 3.61 -1.73
C CYS A 52 12.94 2.14 -1.42
N ALA A 53 12.80 1.86 -0.12
CA ALA A 53 12.63 0.48 0.33
C ALA A 53 11.20 -0.03 0.20
N GLN A 54 10.21 0.85 0.06
CA GLN A 54 8.82 0.46 -0.03
C GLN A 54 8.19 1.02 -1.29
N SER A 55 7.25 0.26 -1.85
CA SER A 55 6.55 0.68 -3.07
C SER A 55 5.66 1.89 -2.82
N SER A 56 5.05 1.98 -1.63
CA SER A 56 4.24 3.14 -1.30
C SER A 56 5.08 4.40 -1.24
N LYS A 57 6.33 4.29 -0.79
CA LYS A 57 7.25 5.41 -0.85
C LYS A 57 7.46 5.86 -2.29
N LEU A 58 7.61 4.91 -3.21
CA LEU A 58 7.79 5.26 -4.62
C LEU A 58 6.54 5.91 -5.19
N THR A 59 5.36 5.44 -4.78
CA THR A 59 4.12 6.08 -5.24
C THR A 59 4.04 7.52 -4.74
N ARG A 60 4.36 7.74 -3.47
CA ARG A 60 4.35 9.08 -2.92
C ARG A 60 5.38 9.98 -3.61
N HIS A 61 6.52 9.41 -3.98
CA HIS A 61 7.53 10.18 -4.71
C HIS A 61 7.05 10.52 -6.11
N MET A 62 6.46 9.56 -6.82
CA MET A 62 5.94 9.82 -8.16
C MET A 62 4.82 10.86 -8.12
N LYS A 63 4.14 10.98 -6.97
CA LYS A 63 3.16 12.05 -6.82
C LYS A 63 3.78 13.44 -6.99
N THR A 64 5.09 13.58 -6.76
CA THR A 64 5.77 14.86 -6.89
C THR A 64 6.22 15.15 -8.31
N HIS A 65 6.13 14.19 -9.22
CA HIS A 65 6.54 14.37 -10.61
C HIS A 65 5.41 14.90 -11.48
N GLY A 66 4.36 15.45 -10.88
CA GLY A 66 3.23 15.96 -11.63
C GLY A 66 1.96 15.16 -11.42
N GLN A 67 0.91 15.83 -10.96
CA GLN A 67 -0.38 15.18 -10.75
C GLN A 67 -1.22 15.28 -12.01
N VAL A 68 -2.10 14.29 -12.20
CA VAL A 68 -2.98 14.28 -13.35
C VAL A 68 -3.94 15.45 -13.26
N GLY A 69 -4.01 16.25 -14.33
CA GLY A 69 -4.84 17.44 -14.32
C GLY A 69 -4.23 18.62 -13.61
N LYS A 70 -2.93 18.60 -13.36
CA LYS A 70 -2.25 19.68 -12.66
C LYS A 70 -1.06 20.16 -13.49
N ASP A 71 -0.65 21.40 -13.23
CA ASP A 71 0.45 22.00 -13.96
C ASP A 71 1.77 21.31 -13.61
N VAL A 72 2.66 21.19 -14.59
CA VAL A 72 3.94 20.53 -14.44
C VAL A 72 5.04 21.50 -14.84
N TYR A 73 6.05 21.65 -13.98
CA TYR A 73 7.19 22.52 -14.25
C TYR A 73 8.37 21.65 -14.67
N LYS A 74 8.54 21.49 -15.98
CA LYS A 74 9.66 20.74 -16.50
C LYS A 74 10.96 21.51 -16.35
N CYS A 75 12.05 20.78 -16.10
CA CYS A 75 13.34 21.40 -15.90
C CYS A 75 13.87 21.97 -17.23
N GLU A 76 14.67 23.03 -17.11
CA GLU A 76 15.26 23.65 -18.29
C GLU A 76 16.44 22.85 -18.83
N ILE A 77 17.13 22.09 -17.97
CA ILE A 77 18.35 21.40 -18.36
C ILE A 77 18.04 19.99 -18.82
N CYS A 78 17.49 19.16 -17.93
CA CYS A 78 17.23 17.76 -18.22
C CYS A 78 15.74 17.45 -18.37
N LYS A 79 14.89 18.47 -18.35
CA LYS A 79 13.45 18.32 -18.60
C LYS A 79 12.80 17.33 -17.64
N MET A 80 13.25 17.33 -16.38
CA MET A 80 12.65 16.47 -15.37
C MET A 80 11.35 17.09 -14.87
N PRO A 81 10.23 16.38 -14.93
CA PRO A 81 8.96 16.96 -14.49
C PRO A 81 8.89 17.15 -12.98
N PHE A 82 8.20 18.22 -12.59
CA PHE A 82 7.95 18.51 -11.18
C PHE A 82 6.59 19.19 -11.05
N SER A 83 5.85 18.83 -10.01
CA SER A 83 4.55 19.44 -9.74
C SER A 83 4.64 20.71 -8.91
N VAL A 84 5.80 20.99 -8.32
CA VAL A 84 6.00 22.17 -7.47
C VAL A 84 7.21 22.93 -7.99
N TYR A 85 7.07 24.25 -8.12
CA TYR A 85 8.16 25.07 -8.63
C TYR A 85 9.36 25.07 -7.67
N SER A 86 9.09 25.10 -6.37
CA SER A 86 10.18 25.10 -5.39
C SER A 86 10.98 23.81 -5.46
N THR A 87 10.30 22.68 -5.69
CA THR A 87 11.01 21.42 -5.85
C THR A 87 11.91 21.45 -7.08
N LEU A 88 11.44 22.04 -8.17
CA LEU A 88 12.27 22.18 -9.36
C LEU A 88 13.47 23.07 -9.10
N GLU A 89 13.27 24.16 -8.33
CA GLU A 89 14.38 25.03 -7.99
C GLU A 89 15.42 24.29 -7.16
N LYS A 90 14.96 23.48 -6.19
CA LYS A 90 15.88 22.68 -5.39
C LYS A 90 16.63 21.67 -6.26
N HIS A 91 15.93 21.06 -7.20
CA HIS A 91 16.58 20.11 -8.10
C HIS A 91 17.65 20.78 -8.94
N MET A 92 17.36 21.98 -9.47
CA MET A 92 18.35 22.71 -10.25
C MET A 92 19.55 23.09 -9.39
N LYS A 93 19.29 23.52 -8.15
CA LYS A 93 20.39 23.91 -7.27
C LYS A 93 21.24 22.71 -6.84
N LYS A 94 20.64 21.52 -6.75
CA LYS A 94 21.36 20.36 -6.27
C LYS A 94 22.06 19.57 -7.37
N TRP A 95 21.51 19.54 -8.58
CA TRP A 95 22.06 18.72 -9.65
C TRP A 95 22.66 19.51 -10.80
N HIS A 96 22.20 20.73 -11.04
CA HIS A 96 22.62 21.52 -12.20
C HIS A 96 23.51 22.69 -11.78
N SER A 97 24.38 22.48 -10.81
CA SER A 97 25.37 23.46 -10.40
C SER A 97 26.68 23.33 -11.17
N ASP A 98 26.76 22.40 -12.12
CA ASP A 98 27.97 22.26 -12.93
C ASP A 98 28.19 23.44 -13.85
N ARG A 99 27.14 24.23 -14.13
CA ARG A 99 27.23 25.41 -14.97
C ARG A 99 26.58 26.58 -14.23
N VAL A 100 27.35 27.24 -13.37
CA VAL A 100 26.88 28.40 -12.63
C VAL A 100 27.95 29.49 -12.63
N ASP B 15 -6.56 -27.72 -15.46
CA ASP B 15 -7.42 -26.55 -15.61
C ASP B 15 -6.62 -25.28 -15.86
N THR B 16 -7.01 -24.54 -16.89
CA THR B 16 -6.29 -23.35 -17.33
C THR B 16 -7.24 -22.15 -17.30
N CYS B 17 -6.69 -20.99 -16.94
CA CYS B 17 -7.50 -19.78 -16.90
C CYS B 17 -7.93 -19.36 -18.31
N GLU B 18 -9.20 -18.98 -18.43
CA GLU B 18 -9.73 -18.53 -19.70
C GLU B 18 -9.35 -17.09 -20.03
N TYR B 19 -8.78 -16.35 -19.08
CA TYR B 19 -8.41 -14.97 -19.26
C TYR B 19 -6.91 -14.78 -19.44
N CYS B 20 -6.10 -15.30 -18.51
CA CYS B 20 -4.65 -15.15 -18.58
C CYS B 20 -3.92 -16.42 -19.00
N GLY B 21 -4.58 -17.57 -18.97
CA GLY B 21 -3.94 -18.81 -19.36
C GLY B 21 -3.04 -19.43 -18.31
N LYS B 22 -3.22 -19.08 -17.04
CA LYS B 22 -2.42 -19.67 -15.98
C LYS B 22 -2.92 -21.06 -15.64
N VAL B 23 -2.01 -22.04 -15.66
CA VAL B 23 -2.35 -23.43 -15.38
C VAL B 23 -2.25 -23.66 -13.87
N PHE B 24 -3.29 -24.27 -13.31
CA PHE B 24 -3.33 -24.56 -11.88
C PHE B 24 -3.35 -26.07 -11.65
N LYS B 25 -2.70 -26.50 -10.57
CA LYS B 25 -2.79 -27.87 -10.10
C LYS B 25 -4.00 -28.10 -9.21
N ASN B 26 -4.81 -27.07 -8.97
CA ASN B 26 -6.02 -27.17 -8.17
C ASN B 26 -7.09 -26.29 -8.81
N CYS B 27 -8.27 -26.88 -9.06
CA CYS B 27 -9.32 -26.18 -9.79
C CYS B 27 -9.92 -25.05 -8.97
N SER B 28 -10.03 -25.25 -7.65
CA SER B 28 -10.56 -24.19 -6.79
C SER B 28 -9.67 -22.96 -6.82
N ASN B 29 -8.35 -23.18 -6.89
CA ASN B 29 -7.43 -22.07 -7.10
C ASN B 29 -7.74 -21.34 -8.40
N LEU B 30 -8.09 -22.09 -9.45
CA LEU B 30 -8.48 -21.45 -10.71
C LEU B 30 -9.73 -20.59 -10.55
N THR B 31 -10.73 -21.09 -9.82
CA THR B 31 -11.95 -20.30 -9.63
C THR B 31 -11.65 -19.01 -8.85
N VAL B 32 -10.89 -19.13 -7.76
CA VAL B 32 -10.57 -17.95 -6.95
C VAL B 32 -9.76 -16.95 -7.76
N HIS B 33 -8.77 -17.43 -8.52
CA HIS B 33 -7.95 -16.55 -9.33
C HIS B 33 -8.78 -15.88 -10.44
N ARG B 34 -9.67 -16.64 -11.07
CA ARG B 34 -10.53 -16.07 -12.10
C ARG B 34 -11.43 -14.98 -11.54
N ARG B 35 -11.79 -15.09 -10.26
CA ARG B 35 -12.58 -14.03 -9.63
C ARG B 35 -11.88 -12.68 -9.71
N SER B 36 -10.55 -12.67 -9.77
CA SER B 36 -9.83 -11.41 -9.95
C SER B 36 -10.12 -10.79 -11.31
N HIS B 37 -10.18 -11.62 -12.36
CA HIS B 37 -10.53 -11.12 -13.68
C HIS B 37 -11.99 -10.67 -13.74
N THR B 38 -12.89 -11.53 -13.24
CA THR B 38 -14.32 -11.19 -13.29
C THR B 38 -14.67 -10.08 -12.31
N GLY B 39 -13.92 -9.96 -11.22
CA GLY B 39 -14.17 -8.94 -10.24
C GLY B 39 -15.25 -9.26 -9.24
N GLU B 40 -15.85 -10.44 -9.29
CA GLU B 40 -16.88 -10.81 -8.33
C GLU B 40 -16.26 -10.99 -6.94
N ARG B 41 -17.01 -10.59 -5.92
N ARG B 41 -17.00 -10.58 -5.92
CA ARG B 41 -16.57 -10.67 -4.53
CA ARG B 41 -16.55 -10.68 -4.53
C ARG B 41 -17.67 -11.36 -3.73
C ARG B 41 -17.66 -11.36 -3.74
N PRO B 42 -17.76 -12.68 -3.82
CA PRO B 42 -18.86 -13.41 -3.15
C PRO B 42 -18.90 -13.23 -1.64
N TYR B 43 -17.75 -13.12 -0.99
CA TYR B 43 -17.67 -13.14 0.48
C TYR B 43 -17.65 -11.70 0.98
N LYS B 44 -18.78 -11.26 1.52
CA LYS B 44 -18.96 -9.88 1.96
C LYS B 44 -19.04 -9.84 3.48
N CYS B 45 -18.25 -8.95 4.08
CA CYS B 45 -18.28 -8.78 5.53
C CYS B 45 -19.61 -8.19 5.97
N GLU B 46 -20.13 -8.71 7.08
CA GLU B 46 -21.38 -8.24 7.65
C GLU B 46 -21.18 -7.06 8.61
N LEU B 47 -19.95 -6.73 8.96
CA LEU B 47 -19.66 -5.66 9.90
C LEU B 47 -19.06 -4.42 9.24
N CYS B 48 -18.82 -4.45 7.93
CA CYS B 48 -18.30 -3.30 7.20
C CYS B 48 -18.55 -3.54 5.71
N ASN B 49 -17.92 -2.71 4.88
CA ASN B 49 -18.12 -2.77 3.43
C ASN B 49 -17.13 -3.69 2.73
N TYR B 50 -16.29 -4.41 3.47
CA TYR B 50 -15.25 -5.22 2.86
C TYR B 50 -15.84 -6.43 2.14
N ALA B 51 -15.27 -6.76 0.99
CA ALA B 51 -15.67 -7.94 0.24
C ALA B 51 -14.44 -8.48 -0.47
N CYS B 52 -14.38 -9.81 -0.59
CA CYS B 52 -13.22 -10.48 -1.15
C CYS B 52 -13.66 -11.69 -1.95
N ALA B 53 -12.73 -12.21 -2.76
CA ALA B 53 -12.97 -13.34 -3.63
C ALA B 53 -12.63 -14.68 -3.00
N GLN B 54 -12.10 -14.69 -1.77
CA GLN B 54 -11.71 -15.91 -1.09
C GLN B 54 -12.29 -15.91 0.31
N SER B 55 -12.92 -17.03 0.69
CA SER B 55 -13.56 -17.11 2.00
C SER B 55 -12.55 -16.97 3.13
N SER B 56 -11.36 -17.56 2.95
CA SER B 56 -10.31 -17.44 3.96
C SER B 56 -9.89 -15.99 4.16
N LYS B 57 -9.93 -15.19 3.09
CA LYS B 57 -9.58 -13.77 3.24
C LYS B 57 -10.61 -13.05 4.11
N LEU B 58 -11.89 -13.35 3.94
CA LEU B 58 -12.91 -12.77 4.80
C LEU B 58 -12.74 -13.25 6.24
N THR B 59 -12.38 -14.53 6.42
CA THR B 59 -12.13 -15.05 7.76
C THR B 59 -10.99 -14.31 8.43
N ARG B 60 -9.91 -14.05 7.69
CA ARG B 60 -8.81 -13.27 8.22
C ARG B 60 -9.25 -11.84 8.53
N HIS B 61 -10.03 -11.24 7.64
CA HIS B 61 -10.47 -9.86 7.82
C HIS B 61 -11.34 -9.71 9.08
N MET B 62 -12.15 -10.73 9.39
CA MET B 62 -13.03 -10.64 10.54
C MET B 62 -12.28 -10.45 11.85
N LYS B 63 -11.00 -10.81 11.90
CA LYS B 63 -10.22 -10.60 13.12
C LYS B 63 -9.92 -9.13 13.36
N THR B 64 -10.04 -8.28 12.34
CA THR B 64 -9.83 -6.85 12.55
C THR B 64 -10.96 -6.21 13.35
N HIS B 65 -12.12 -6.86 13.42
CA HIS B 65 -13.24 -6.37 14.23
C HIS B 65 -13.18 -6.88 15.66
N GLY B 66 -12.19 -7.70 16.02
CA GLY B 66 -12.04 -8.16 17.38
C GLY B 66 -12.13 -9.67 17.53
N GLN B 67 -11.57 -10.18 18.62
CA GLN B 67 -11.62 -11.59 18.96
C GLN B 67 -12.36 -11.76 20.28
N VAL B 68 -12.92 -12.95 20.47
CA VAL B 68 -13.65 -13.25 21.70
C VAL B 68 -12.67 -13.27 22.86
N GLY B 69 -12.87 -12.37 23.83
CA GLY B 69 -12.00 -12.24 24.98
C GLY B 69 -11.03 -11.07 24.91
N LYS B 70 -10.82 -10.51 23.73
CA LYS B 70 -9.90 -9.38 23.57
C LYS B 70 -10.67 -8.06 23.63
N ASP B 71 -9.92 -6.99 23.91
CA ASP B 71 -10.52 -5.66 23.95
C ASP B 71 -10.99 -5.24 22.57
N VAL B 72 -12.19 -4.65 22.51
CA VAL B 72 -12.81 -4.23 21.26
C VAL B 72 -13.18 -2.76 21.38
N TYR B 73 -12.81 -1.98 20.37
CA TYR B 73 -13.11 -0.54 20.32
C TYR B 73 -14.20 -0.32 19.29
N LYS B 74 -15.41 -0.05 19.75
CA LYS B 74 -16.55 0.15 18.87
C LYS B 74 -16.65 1.61 18.45
N CYS B 75 -16.92 1.84 17.17
CA CYS B 75 -17.11 3.19 16.66
C CYS B 75 -18.27 3.88 17.37
N GLU B 76 -18.05 5.15 17.73
CA GLU B 76 -19.05 5.88 18.49
C GLU B 76 -20.29 6.21 17.67
N ILE B 77 -20.18 6.29 16.34
CA ILE B 77 -21.30 6.72 15.52
C ILE B 77 -22.03 5.52 14.93
N CYS B 78 -21.33 4.71 14.14
CA CYS B 78 -21.94 3.61 13.42
C CYS B 78 -21.86 2.28 14.15
N LYS B 79 -21.31 2.26 15.37
CA LYS B 79 -21.22 1.05 16.19
C LYS B 79 -20.44 -0.06 15.49
N MET B 80 -19.44 0.30 14.69
CA MET B 80 -18.61 -0.69 14.01
C MET B 80 -17.49 -1.16 14.92
N PRO B 81 -17.39 -2.45 15.21
CA PRO B 81 -16.33 -2.91 16.11
C PRO B 81 -14.96 -2.92 15.45
N PHE B 82 -13.93 -2.74 16.27
CA PHE B 82 -12.56 -2.79 15.81
C PHE B 82 -11.68 -3.45 16.86
N SER B 83 -10.62 -4.11 16.39
CA SER B 83 -9.65 -4.73 17.28
C SER B 83 -8.45 -3.84 17.54
N VAL B 84 -8.12 -2.95 16.60
CA VAL B 84 -6.97 -2.06 16.70
C VAL B 84 -7.48 -0.63 16.71
N TYR B 85 -7.02 0.16 17.68
CA TYR B 85 -7.47 1.54 17.79
C TYR B 85 -6.99 2.38 16.61
N SER B 86 -5.84 2.02 16.01
CA SER B 86 -5.38 2.72 14.82
C SER B 86 -6.38 2.58 13.68
N THR B 87 -6.90 1.37 13.47
CA THR B 87 -7.92 1.15 12.45
C THR B 87 -9.18 1.94 12.75
N LEU B 88 -9.55 2.02 14.04
CA LEU B 88 -10.71 2.82 14.42
C LEU B 88 -10.50 4.29 14.10
N GLU B 89 -9.30 4.82 14.38
CA GLU B 89 -9.02 6.21 14.06
C GLU B 89 -9.07 6.45 12.55
N LYS B 90 -8.49 5.54 11.77
CA LYS B 90 -8.55 5.67 10.32
C LYS B 90 -10.00 5.65 9.83
N HIS B 91 -10.81 4.74 10.38
CA HIS B 91 -12.21 4.67 10.00
C HIS B 91 -12.97 5.93 10.38
N MET B 92 -12.69 6.48 11.56
CA MET B 92 -13.33 7.72 11.97
C MET B 92 -12.98 8.86 11.02
N LYS B 93 -11.71 8.95 10.64
CA LYS B 93 -11.31 9.98 9.67
C LYS B 93 -12.00 9.75 8.32
N LYS B 94 -12.10 8.50 7.88
CA LYS B 94 -12.62 8.21 6.55
C LYS B 94 -14.12 8.47 6.46
N TRP B 95 -14.89 8.06 7.47
CA TRP B 95 -16.34 8.08 7.39
C TRP B 95 -17.03 9.13 8.24
N HIS B 96 -16.33 9.74 9.20
CA HIS B 96 -16.95 10.70 10.12
C HIS B 96 -16.07 11.94 10.22
N SER B 97 -16.31 12.90 9.33
CA SER B 97 -15.57 14.15 9.31
C SER B 97 -16.33 15.29 10.00
N ASP B 98 -17.44 15.00 10.66
CA ASP B 98 -18.21 16.03 11.36
C ASP B 98 -17.66 16.25 12.76
#